data_1U8X
#
_entry.id   1U8X
#
_cell.length_a   82.604
_cell.length_b   102.017
_cell.length_c   144.748
_cell.angle_alpha   90.00
_cell.angle_beta   90.00
_cell.angle_gamma   90.00
#
_symmetry.space_group_name_H-M   'I 2 2 2'
#
loop_
_entity.id
_entity.type
_entity.pdbx_description
1 polymer "Maltose-6'-phosphate glucosidase"
2 non-polymer 6-O-phosphono-alpha-D-glucopyranose
3 non-polymer 'MANGANESE (II) ION'
4 non-polymer NICOTINAMIDE-ADENINE-DINUCLEOTIDE
5 water water
#
_entity_poly.entity_id   1
_entity_poly.type   'polypeptide(L)'
_entity_poly.pdbx_seq_one_letter_code
;(MSE)HHHHHHSSGVDLGTENLYFQSN(MSE)KKKSFSIVIAGGGSTFTPGIVL(MSE)LLDHLEEFPIRKLKLYDNDKE
RQDRIAGACDVFIREKAPDIEFAATTDPEEAFTDVDFV(MSE)AHIRVGKYA(MSE)RALDEQIPLKYGVVGQETCGPGG
IAYG(MSE)RSIGGVLEILDY(MSE)EKYSPDAW(MSE)LNYSNPAAIVAEATRRLRPNSKILNICD(MSE)PVGIEDR
(MSE)AQILGLSSRKE(MSE)KVRYYGLNHFGWWTSIQDQEGNDL(MSE)PKLKEHVSQYGYIPKTEAEAVEASWNDTFA
KARDVQAADPDTLPNTYLQYYLFPDD(MSE)VKKSNPNHTRANEV(MSE)EGREAFIFSQCD(MSE)ITREQSSENSEIK
IDDHASYIVDLARAIAYNTGER(MSE)LLIVENNGAIANFDPTA(MSE)VEVPCIVGSNGPEPITVGTIPQFQKGL
(MSE)EQQVSVEKLTVEAWAEKSFQKLWQALILSKTVPNARVARLILEDLVEANKDFWPELDQSPTRIS
;
_entity_poly.pdbx_strand_id   X
#
loop_
_chem_comp.id
_chem_comp.type
_chem_comp.name
_chem_comp.formula
G6P D-saccharide, alpha linking 6-O-phosphono-alpha-D-glucopyranose 'C6 H13 O9 P'
MN non-polymer 'MANGANESE (II) ION' 'Mn 2'
NAD non-polymer NICOTINAMIDE-ADENINE-DINUCLEOTIDE 'C21 H27 N7 O14 P2'
#
# COMPACT_ATOMS: atom_id res chain seq x y z
N LYS A 26 -16.21 3.74 25.77
CA LYS A 26 -17.41 2.88 25.56
C LYS A 26 -17.19 1.36 25.38
N LYS A 27 -16.09 0.90 24.78
CA LYS A 27 -14.85 1.64 24.54
C LYS A 27 -14.74 2.27 23.15
N SER A 28 -14.20 3.49 23.12
CA SER A 28 -14.11 4.25 21.88
C SER A 28 -12.69 4.67 21.59
N PHE A 29 -12.35 4.74 20.31
CA PHE A 29 -10.96 4.89 19.93
C PHE A 29 -10.66 6.26 19.39
N SER A 30 -9.44 6.71 19.67
CA SER A 30 -8.95 7.98 19.17
C SER A 30 -7.98 7.66 18.03
N ILE A 31 -8.18 8.34 16.91
CA ILE A 31 -7.46 8.06 15.67
C ILE A 31 -6.96 9.36 15.06
N VAL A 32 -5.75 9.30 14.52
CA VAL A 32 -5.22 10.38 13.73
C VAL A 32 -4.84 9.83 12.36
N ILE A 33 -5.31 10.50 11.32
CA ILE A 33 -4.94 10.21 9.95
C ILE A 33 -3.78 11.11 9.57
N ALA A 34 -2.60 10.52 9.36
CA ALA A 34 -1.44 11.25 8.84
C ALA A 34 -1.49 11.25 7.33
N GLY A 35 -1.37 12.43 6.76
CA GLY A 35 -1.69 12.66 5.36
C GLY A 35 -3.12 13.11 5.20
N GLY A 36 -3.56 14.04 6.05
CA GLY A 36 -4.93 14.50 6.03
C GLY A 36 -5.28 15.31 4.80
N GLY A 37 -4.32 16.09 4.29
CA GLY A 37 -4.46 16.80 3.02
C GLY A 37 -4.32 15.94 1.77
N SER A 38 -4.57 14.64 1.91
CA SER A 38 -4.59 13.70 0.81
C SER A 38 -5.96 13.75 0.16
N THR A 39 -6.15 12.97 -0.93
CA THR A 39 -7.47 12.87 -1.57
C THR A 39 -8.08 11.49 -1.31
N PHE A 40 -7.35 10.66 -0.57
CA PHE A 40 -7.90 9.42 -0.03
C PHE A 40 -8.67 9.65 1.29
N THR A 41 -8.32 10.68 2.05
CA THR A 41 -8.84 10.80 3.41
C THR A 41 -10.34 11.07 3.47
N PRO A 42 -10.90 11.89 2.56
CA PRO A 42 -12.35 12.10 2.54
C PRO A 42 -13.07 10.78 2.39
N GLY A 43 -12.63 9.98 1.43
CA GLY A 43 -13.11 8.62 1.24
C GLY A 43 -13.04 7.70 2.44
N ILE A 44 -12.02 7.83 3.29
CA ILE A 44 -11.86 6.90 4.43
C ILE A 44 -12.53 7.38 5.71
N VAL A 45 -12.55 8.69 5.95
CA VAL A 45 -13.42 9.25 7.00
C VAL A 45 -14.84 8.74 6.76
N LEU A 46 -15.27 8.85 5.51
CA LEU A 46 -16.58 8.33 5.09
C LEU A 46 -16.71 6.87 5.43
N MSE A 47 -15.72 6.07 5.06
CA MSE A 47 -15.77 4.65 5.36
C MSE A 47 -15.75 4.40 6.87
O MSE A 47 -16.47 3.54 7.35
CB MSE A 47 -14.64 3.90 4.64
CG MSE A 47 -14.48 2.47 5.10
SE MSE A 47 -13.14 2.47 6.50
CE MSE A 47 -14.05 1.97 7.97
N LEU A 48 -14.93 5.15 7.61
CA LEU A 48 -14.89 5.08 9.08
C LEU A 48 -16.22 5.42 9.76
N LEU A 49 -17.04 6.26 9.12
CA LEU A 49 -18.34 6.60 9.65
C LEU A 49 -19.34 5.45 9.44
N ASP A 50 -19.21 4.77 8.30
CA ASP A 50 -20.11 3.64 7.98
C ASP A 50 -19.84 2.44 8.89
N HIS A 51 -18.62 2.36 9.42
CA HIS A 51 -18.21 1.21 10.22
C HIS A 51 -18.24 1.56 11.73
N LEU A 52 -19.06 2.53 12.13
CA LEU A 52 -19.05 3.06 13.51
C LEU A 52 -19.64 2.11 14.55
N GLU A 53 -20.51 1.21 14.10
CA GLU A 53 -21.13 0.21 14.97
C GLU A 53 -20.06 -0.77 15.48
N GLU A 54 -19.30 -1.31 14.54
CA GLU A 54 -18.30 -2.34 14.82
C GLU A 54 -16.92 -1.76 15.25
N PHE A 55 -16.76 -0.43 15.13
CA PHE A 55 -15.52 0.27 15.52
C PHE A 55 -15.84 1.74 15.87
N PRO A 56 -16.28 1.97 17.12
CA PRO A 56 -16.70 3.30 17.57
C PRO A 56 -15.52 4.24 17.82
N ILE A 57 -15.73 5.53 17.53
CA ILE A 57 -14.69 6.54 17.61
C ILE A 57 -15.14 7.71 18.48
N ARG A 58 -14.25 8.16 19.36
CA ARG A 58 -14.45 9.37 20.17
C ARG A 58 -13.71 10.60 19.64
N LYS A 59 -12.57 10.39 18.99
CA LYS A 59 -11.74 11.46 18.45
C LYS A 59 -11.14 11.07 17.09
N LEU A 60 -11.15 12.04 16.17
CA LEU A 60 -10.59 11.86 14.84
C LEU A 60 -9.84 13.14 14.48
N LYS A 61 -8.54 13.01 14.31
CA LYS A 61 -7.71 14.14 13.97
C LYS A 61 -7.03 13.89 12.62
N LEU A 62 -6.76 15.00 11.95
CA LEU A 62 -6.11 15.02 10.67
C LEU A 62 -4.75 15.67 10.91
N TYR A 63 -3.69 15.03 10.42
CA TYR A 63 -2.36 15.63 10.44
C TYR A 63 -1.80 15.72 9.03
N ASP A 64 -1.22 16.88 8.72
CA ASP A 64 -0.49 17.10 7.46
C ASP A 64 0.56 18.20 7.66
N ASN A 65 1.56 18.28 6.78
CA ASN A 65 2.56 19.38 6.88
C ASN A 65 2.12 20.70 6.26
N ASP A 66 1.33 20.64 5.18
CA ASP A 66 0.77 21.85 4.55
C ASP A 66 -0.68 22.15 4.97
N LYS A 67 -0.87 23.28 5.65
CA LYS A 67 -2.19 23.64 6.18
C LYS A 67 -3.29 23.71 5.12
N GLU A 68 -3.02 24.38 3.99
CA GLU A 68 -4.10 24.77 3.08
C GLU A 68 -4.66 23.60 2.27
N ARG A 69 -3.88 22.55 2.04
CA ARG A 69 -4.42 21.33 1.43
C ARG A 69 -5.34 20.56 2.39
N GLN A 70 -4.85 20.33 3.61
CA GLN A 70 -5.62 19.63 4.64
C GLN A 70 -6.87 20.40 5.09
N ASP A 71 -6.73 21.70 5.30
CA ASP A 71 -7.86 22.54 5.74
C ASP A 71 -9.05 22.38 4.81
N ARG A 72 -8.78 22.30 3.51
CA ARG A 72 -9.85 22.23 2.54
C ARG A 72 -10.44 20.82 2.51
N ILE A 73 -9.63 19.80 2.76
CA ILE A 73 -10.15 18.45 3.01
C ILE A 73 -10.95 18.43 4.34
N ALA A 74 -10.41 19.09 5.35
CA ALA A 74 -10.92 19.02 6.71
C ALA A 74 -12.31 19.65 6.82
N GLY A 75 -12.59 20.61 5.95
CA GLY A 75 -13.87 21.28 5.91
C GLY A 75 -14.99 20.33 5.48
N ALA A 76 -14.68 19.38 4.60
CA ALA A 76 -15.67 18.42 4.13
C ALA A 76 -15.83 17.27 5.12
N CYS A 77 -14.71 16.82 5.70
CA CYS A 77 -14.75 15.84 6.78
C CYS A 77 -15.58 16.40 7.94
N ASP A 78 -15.30 17.64 8.33
CA ASP A 78 -16.06 18.36 9.37
C ASP A 78 -17.59 18.27 9.17
N VAL A 79 -18.03 18.49 7.95
CA VAL A 79 -19.44 18.35 7.60
C VAL A 79 -19.92 16.92 7.76
N PHE A 80 -19.16 15.94 7.25
CA PHE A 80 -19.55 14.54 7.36
C PHE A 80 -19.81 14.16 8.83
N ILE A 81 -18.83 14.52 9.69
CA ILE A 81 -18.82 14.11 11.10
C ILE A 81 -20.06 14.66 11.77
N ARG A 82 -20.41 15.90 11.42
CA ARG A 82 -21.56 16.57 12.02
C ARG A 82 -22.87 15.91 11.62
N GLU A 83 -22.97 15.42 10.39
CA GLU A 83 -24.20 14.76 9.92
C GLU A 83 -24.46 13.41 10.58
N LYS A 84 -23.45 12.52 10.62
CA LYS A 84 -23.64 11.13 11.08
C LYS A 84 -23.32 10.92 12.56
N ALA A 85 -22.28 11.60 13.06
CA ALA A 85 -21.84 11.39 14.44
C ALA A 85 -21.14 12.63 15.00
N PRO A 86 -21.93 13.67 15.33
CA PRO A 86 -21.35 14.96 15.74
C PRO A 86 -20.56 14.89 17.06
N ASP A 87 -20.92 13.93 17.91
CA ASP A 87 -20.26 13.79 19.21
C ASP A 87 -18.79 13.31 19.11
N ILE A 88 -18.35 12.92 17.91
CA ILE A 88 -16.93 12.67 17.65
C ILE A 88 -16.18 13.99 17.61
N GLU A 89 -15.17 14.14 18.45
CA GLU A 89 -14.29 15.30 18.42
C GLU A 89 -13.46 15.27 17.15
N PHE A 90 -13.59 16.30 16.31
CA PHE A 90 -12.79 16.40 15.11
C PHE A 90 -11.87 17.61 15.11
N ALA A 91 -10.63 17.41 14.66
CA ALA A 91 -9.72 18.52 14.41
C ALA A 91 -8.68 18.22 13.33
N ALA A 92 -8.27 19.25 12.62
CA ALA A 92 -7.20 19.18 11.64
C ALA A 92 -6.08 20.08 12.10
N THR A 93 -4.85 19.63 12.02
CA THR A 93 -3.71 20.39 12.56
C THR A 93 -2.43 20.07 11.80
N THR A 94 -1.45 20.98 11.86
CA THR A 94 -0.13 20.74 11.31
C THR A 94 0.91 20.66 12.42
N ASP A 95 0.45 20.65 13.67
CA ASP A 95 1.35 20.57 14.81
C ASP A 95 1.42 19.14 15.36
N PRO A 96 2.62 18.54 15.35
CA PRO A 96 2.79 17.15 15.78
C PRO A 96 2.21 16.79 17.15
N GLU A 97 2.38 17.67 18.14
CA GLU A 97 1.93 17.37 19.49
C GLU A 97 0.41 17.34 19.59
N GLU A 98 -0.25 18.30 18.95
CA GLU A 98 -1.71 18.33 18.87
C GLU A 98 -2.23 17.04 18.21
N ALA A 99 -1.58 16.67 17.11
CA ALA A 99 -2.00 15.53 16.28
C ALA A 99 -1.84 14.17 16.94
N PHE A 100 -0.69 13.95 17.57
CA PHE A 100 -0.30 12.60 17.97
C PHE A 100 -0.40 12.32 19.46
N THR A 101 -0.92 13.29 20.24
CA THR A 101 -1.22 13.10 21.64
C THR A 101 -2.58 12.44 21.79
N ASP A 102 -2.69 11.53 22.76
CA ASP A 102 -3.91 10.83 23.05
C ASP A 102 -4.56 10.22 21.79
N VAL A 103 -3.81 9.38 21.07
CA VAL A 103 -4.42 8.55 20.02
C VAL A 103 -4.11 7.09 20.31
N ASP A 104 -5.00 6.21 19.85
CA ASP A 104 -4.78 4.76 19.85
C ASP A 104 -4.21 4.21 18.54
N PHE A 105 -4.62 4.80 17.41
CA PHE A 105 -4.15 4.38 16.09
C PHE A 105 -3.76 5.60 15.23
N VAL A 106 -2.72 5.42 14.44
CA VAL A 106 -2.35 6.35 13.39
C VAL A 106 -2.60 5.64 12.08
N MSE A 107 -3.48 6.19 11.27
CA MSE A 107 -3.65 5.69 9.91
C MSE A 107 -2.85 6.60 9.00
O MSE A 107 -3.12 7.78 8.92
CB MSE A 107 -5.11 5.63 9.54
CG MSE A 107 -5.85 4.66 10.46
SE MSE A 107 -7.75 4.69 10.19
CE MSE A 107 -8.24 3.13 11.36
N ALA A 108 -1.83 6.05 8.35
CA ALA A 108 -0.89 6.84 7.59
C ALA A 108 -1.03 6.52 6.11
N HIS A 109 -1.37 7.52 5.30
CA HIS A 109 -1.28 7.41 3.86
C HIS A 109 -0.65 8.66 3.34
N ILE A 110 0.61 8.85 3.70
CA ILE A 110 1.36 9.98 3.20
C ILE A 110 2.01 9.65 1.87
N ARG A 111 2.19 10.68 1.05
CA ARG A 111 2.78 10.55 -0.27
C ARG A 111 3.83 11.61 -0.36
N VAL A 112 5.04 11.32 0.09
CA VAL A 112 6.11 12.29 0.01
C VAL A 112 6.35 12.63 -1.47
N GLY A 113 6.40 13.94 -1.74
CA GLY A 113 6.58 14.45 -3.09
C GLY A 113 5.27 14.61 -3.84
N LYS A 114 4.18 14.03 -3.34
CA LYS A 114 2.85 14.16 -3.95
C LYS A 114 2.83 13.66 -5.40
N TYR A 115 1.75 13.95 -6.14
CA TYR A 115 1.57 13.42 -7.51
C TYR A 115 2.56 13.99 -8.51
N ALA A 116 3.16 15.15 -8.21
CA ALA A 116 4.19 15.73 -9.08
C ALA A 116 5.42 14.83 -9.19
N MSE A 117 5.87 14.29 -8.06
CA MSE A 117 6.98 13.35 -8.07
C MSE A 117 6.56 12.00 -8.64
O MSE A 117 7.33 11.36 -9.34
CB MSE A 117 7.59 13.16 -6.68
CG MSE A 117 8.40 14.36 -6.16
SE MSE A 117 9.79 14.94 -7.43
CE MSE A 117 10.51 13.24 -7.95
N ARG A 118 5.32 11.57 -8.35
CA ARG A 118 4.82 10.31 -8.91
C ARG A 118 4.92 10.35 -10.44
N ALA A 119 4.54 11.49 -11.02
CA ALA A 119 4.62 11.69 -12.46
C ALA A 119 6.03 11.44 -13.00
N LEU A 120 7.05 11.94 -12.32
CA LEU A 120 8.43 11.74 -12.72
C LEU A 120 8.92 10.30 -12.49
N ASP A 121 8.44 9.68 -11.41
CA ASP A 121 8.74 8.27 -11.13
C ASP A 121 8.35 7.41 -12.33
N GLU A 122 7.19 7.74 -12.92
CA GLU A 122 6.65 7.03 -14.07
C GLU A 122 7.38 7.40 -15.37
N GLN A 123 7.56 8.70 -15.59
CA GLN A 123 8.01 9.19 -16.89
C GLN A 123 9.51 9.02 -17.11
N ILE A 124 10.33 9.19 -16.08
CA ILE A 124 11.77 9.04 -16.26
C ILE A 124 12.17 7.65 -16.82
N PRO A 125 11.74 6.57 -16.19
CA PRO A 125 12.07 5.22 -16.68
C PRO A 125 11.56 4.95 -18.09
N LEU A 126 10.36 5.45 -18.36
CA LEU A 126 9.69 5.24 -19.63
C LEU A 126 10.50 5.81 -20.81
N LYS A 127 11.22 6.90 -20.56
CA LYS A 127 12.07 7.53 -21.58
C LYS A 127 13.12 6.58 -22.09
N TYR A 128 13.46 5.57 -21.28
CA TYR A 128 14.46 4.57 -21.63
C TYR A 128 13.89 3.23 -21.97
N GLY A 129 12.56 3.08 -22.03
CA GLY A 129 11.93 1.83 -22.40
C GLY A 129 11.69 0.92 -21.23
N VAL A 130 11.68 1.49 -20.04
CA VAL A 130 11.58 0.74 -18.79
C VAL A 130 10.31 1.11 -18.03
N VAL A 131 9.73 0.10 -17.39
CA VAL A 131 8.49 0.18 -16.64
C VAL A 131 8.47 1.41 -15.73
N GLY A 132 7.44 2.23 -15.88
CA GLY A 132 7.24 3.43 -15.10
C GLY A 132 5.95 3.25 -14.31
N GLN A 133 6.08 3.03 -13.00
CA GLN A 133 4.97 2.63 -12.15
C GLN A 133 5.22 3.10 -10.71
N GLU A 134 4.15 3.40 -9.99
CA GLU A 134 4.21 3.98 -8.64
C GLU A 134 5.03 3.17 -7.66
N THR A 135 4.82 1.86 -7.64
CA THR A 135 5.50 0.99 -6.68
C THR A 135 6.41 -0.05 -7.24
N CYS A 136 6.39 -0.27 -8.56
CA CYS A 136 7.21 -1.30 -9.19
C CYS A 136 8.24 -0.68 -10.15
N GLY A 137 9.39 -1.34 -10.26
CA GLY A 137 10.48 -0.82 -11.07
C GLY A 137 11.16 0.41 -10.49
N PRO A 138 11.94 1.13 -11.29
CA PRO A 138 12.67 2.30 -10.80
C PRO A 138 11.79 3.39 -10.18
N GLY A 139 10.56 3.55 -10.67
CA GLY A 139 9.63 4.51 -10.06
C GLY A 139 9.28 4.16 -8.63
N GLY A 140 9.11 2.87 -8.36
CA GLY A 140 8.89 2.37 -7.01
C GLY A 140 10.09 2.58 -6.08
N ILE A 141 11.28 2.29 -6.59
CA ILE A 141 12.51 2.54 -5.84
C ILE A 141 12.66 4.02 -5.45
N ALA A 142 12.39 4.92 -6.39
CA ALA A 142 12.46 6.36 -6.17
C ALA A 142 11.47 6.83 -5.12
N TYR A 143 10.25 6.35 -5.21
CA TYR A 143 9.20 6.66 -4.24
C TYR A 143 9.60 6.11 -2.87
N GLY A 144 10.12 4.89 -2.85
CA GLY A 144 10.65 4.28 -1.65
C GLY A 144 11.69 5.16 -0.98
N MSE A 145 12.65 5.66 -1.74
CA MSE A 145 13.68 6.58 -1.24
C MSE A 145 13.10 7.87 -0.66
O MSE A 145 13.64 8.41 0.32
CB MSE A 145 14.67 6.92 -2.35
CG MSE A 145 15.56 5.71 -2.79
SE MSE A 145 16.92 5.30 -1.44
CE MSE A 145 17.99 6.98 -1.52
N ARG A 146 12.02 8.38 -1.24
CA ARG A 146 11.35 9.55 -0.68
C ARG A 146 10.58 9.19 0.60
N SER A 147 9.90 8.05 0.58
CA SER A 147 8.98 7.68 1.64
C SER A 147 9.65 7.34 2.98
N ILE A 148 10.82 6.73 2.97
CA ILE A 148 11.42 6.23 4.21
C ILE A 148 11.46 7.34 5.26
N GLY A 149 12.05 8.48 4.90
CA GLY A 149 12.13 9.64 5.76
C GLY A 149 10.80 10.13 6.27
N GLY A 150 9.77 10.14 5.41
CA GLY A 150 8.46 10.61 5.82
C GLY A 150 7.81 9.69 6.86
N VAL A 151 7.91 8.39 6.66
CA VAL A 151 7.32 7.42 7.56
C VAL A 151 8.02 7.40 8.92
N LEU A 152 9.34 7.46 8.91
CA LEU A 152 10.11 7.51 10.15
C LEU A 152 9.77 8.74 10.97
N GLU A 153 9.48 9.85 10.29
CA GLU A 153 9.12 11.11 10.94
C GLU A 153 7.83 10.94 11.74
N ILE A 154 6.80 10.41 11.10
CA ILE A 154 5.50 10.23 11.70
C ILE A 154 5.49 9.18 12.80
N LEU A 155 6.30 8.16 12.62
CA LEU A 155 6.43 7.07 13.58
C LEU A 155 7.08 7.55 14.86
N ASP A 156 8.09 8.40 14.73
CA ASP A 156 8.77 9.00 15.88
C ASP A 156 7.86 9.96 16.65
N TYR A 157 7.02 10.70 15.93
CA TYR A 157 6.03 11.55 16.58
C TYR A 157 5.06 10.69 17.37
N MSE A 158 4.66 9.54 16.82
CA MSE A 158 3.74 8.66 17.51
C MSE A 158 4.37 8.16 18.80
O MSE A 158 3.73 8.23 19.85
CB MSE A 158 3.32 7.46 16.66
CG MSE A 158 2.20 6.66 17.29
SE MSE A 158 1.76 5.12 16.21
CE MSE A 158 3.48 4.12 16.32
N GLU A 159 5.60 7.66 18.73
CA GLU A 159 6.31 7.17 19.91
C GLU A 159 6.61 8.27 20.95
N LYS A 160 6.71 9.52 20.50
CA LYS A 160 7.05 10.62 21.40
C LYS A 160 5.82 11.07 22.18
N TYR A 161 4.64 11.00 21.55
CA TYR A 161 3.42 11.55 22.13
C TYR A 161 2.34 10.53 22.51
N SER A 162 2.31 9.38 21.84
CA SER A 162 1.47 8.26 22.27
C SER A 162 2.22 6.94 22.14
N PRO A 163 3.13 6.66 23.08
CA PRO A 163 4.03 5.50 22.97
C PRO A 163 3.35 4.14 22.79
N ASP A 164 2.08 4.02 23.18
CA ASP A 164 1.40 2.72 23.11
C ASP A 164 0.48 2.54 21.89
N ALA A 165 0.39 3.52 21.00
CA ALA A 165 -0.44 3.41 19.80
C ALA A 165 0.22 2.56 18.70
N TRP A 166 -0.61 2.06 17.79
CA TRP A 166 -0.19 1.34 16.59
C TRP A 166 -0.31 2.27 15.37
N MSE A 167 0.70 2.22 14.51
CA MSE A 167 0.62 2.85 13.20
C MSE A 167 0.26 1.82 12.16
O MSE A 167 0.96 0.82 11.98
CB MSE A 167 1.93 3.50 12.83
CG MSE A 167 1.91 4.28 11.51
SE MSE A 167 3.50 5.40 11.50
CE MSE A 167 3.48 6.03 9.65
N LEU A 168 -0.85 2.08 11.49
CA LEU A 168 -1.30 1.29 10.38
C LEU A 168 -0.94 2.04 9.12
N ASN A 169 0.11 1.58 8.46
CA ASN A 169 0.72 2.32 7.37
C ASN A 169 0.36 1.70 6.02
N TYR A 170 -0.45 2.40 5.25
CA TYR A 170 -0.62 2.03 3.85
C TYR A 170 0.19 2.97 2.96
N SER A 171 1.05 3.83 3.54
CA SER A 171 1.99 4.68 2.77
C SER A 171 3.02 3.84 1.97
N ASN A 172 2.98 3.97 0.63
CA ASN A 172 3.74 3.12 -0.27
C ASN A 172 5.12 3.71 -0.50
N PRO A 173 6.04 2.93 -1.07
CA PRO A 173 5.85 1.52 -1.43
C PRO A 173 6.13 0.61 -0.24
N ALA A 174 5.13 -0.18 0.16
CA ALA A 174 5.13 -0.87 1.43
C ALA A 174 6.33 -1.81 1.62
N ALA A 175 6.81 -2.45 0.55
CA ALA A 175 7.92 -3.39 0.68
C ALA A 175 9.22 -2.72 1.12
N ILE A 176 9.53 -1.57 0.53
CA ILE A 176 10.75 -0.83 0.88
C ILE A 176 10.59 -0.18 2.24
N VAL A 177 9.45 0.44 2.51
CA VAL A 177 9.22 1.06 3.80
C VAL A 177 9.26 0.03 4.93
N ALA A 178 8.72 -1.16 4.68
CA ALA A 178 8.70 -2.20 5.69
C ALA A 178 10.13 -2.66 6.01
N GLU A 179 10.97 -2.80 4.98
CA GLU A 179 12.37 -3.15 5.19
C GLU A 179 13.10 -2.06 5.99
N ALA A 180 12.81 -0.80 5.70
CA ALA A 180 13.35 0.32 6.48
C ALA A 180 12.99 0.28 7.96
N THR A 181 11.71 0.06 8.26
CA THR A 181 11.27 0.00 9.65
C THR A 181 11.85 -1.23 10.37
N ARG A 182 11.95 -2.36 9.66
CA ARG A 182 12.53 -3.56 10.22
C ARG A 182 13.92 -3.31 10.70
N ARG A 183 14.70 -2.58 9.90
CA ARG A 183 16.10 -2.33 10.22
C ARG A 183 16.29 -1.20 11.20
N LEU A 184 15.57 -0.13 10.98
CA LEU A 184 15.83 1.15 11.64
C LEU A 184 14.96 1.40 12.85
N ARG A 185 13.81 0.73 12.94
CA ARG A 185 12.87 0.84 14.05
C ARG A 185 12.30 -0.53 14.45
N PRO A 186 13.21 -1.46 14.79
CA PRO A 186 12.84 -2.88 14.94
C PRO A 186 11.76 -3.20 15.97
N ASN A 187 11.65 -2.40 17.02
CA ASN A 187 10.66 -2.67 18.07
C ASN A 187 9.36 -1.85 17.96
N SER A 188 9.22 -1.05 16.91
CA SER A 188 8.10 -0.14 16.80
C SER A 188 6.81 -0.84 16.36
N LYS A 189 5.70 -0.31 16.85
CA LYS A 189 4.37 -0.85 16.58
C LYS A 189 3.82 -0.25 15.30
N ILE A 190 4.39 -0.66 14.18
CA ILE A 190 3.97 -0.23 12.87
C ILE A 190 3.65 -1.49 12.07
N LEU A 191 2.54 -1.44 11.35
CA LEU A 191 2.15 -2.50 10.45
C LEU A 191 1.99 -1.93 9.06
N ASN A 192 2.76 -2.46 8.12
CA ASN A 192 2.71 -2.01 6.74
C ASN A 192 1.71 -2.94 6.03
N ILE A 193 0.84 -2.34 5.22
CA ILE A 193 -0.32 -3.04 4.67
C ILE A 193 -0.64 -2.56 3.27
N CYS A 194 -1.47 -3.37 2.61
CA CYS A 194 -1.71 -3.24 1.20
C CYS A 194 -3.08 -3.79 0.85
N ASP A 195 -3.79 -3.08 -0.01
CA ASP A 195 -5.17 -3.44 -0.32
C ASP A 195 -5.31 -4.25 -1.59
N MSE A 196 -4.21 -4.48 -2.31
CA MSE A 196 -4.29 -5.23 -3.55
C MSE A 196 -4.84 -6.63 -3.37
O MSE A 196 -5.80 -6.99 -4.05
CB MSE A 196 -2.96 -5.28 -4.33
CG MSE A 196 -3.16 -5.80 -5.76
SE MSE A 196 -4.65 -4.89 -6.76
CE MSE A 196 -3.63 -3.42 -7.53
N PRO A 197 -4.26 -7.43 -2.47
CA PRO A 197 -4.81 -8.76 -2.22
C PRO A 197 -6.30 -8.71 -1.90
N VAL A 198 -6.75 -7.73 -1.12
CA VAL A 198 -8.17 -7.63 -0.76
C VAL A 198 -9.00 -7.44 -2.04
N GLY A 199 -8.56 -6.54 -2.91
CA GLY A 199 -9.23 -6.25 -4.15
C GLY A 199 -9.31 -7.45 -5.08
N ILE A 200 -8.26 -8.26 -5.07
CA ILE A 200 -8.25 -9.44 -5.93
C ILE A 200 -9.20 -10.48 -5.32
N GLU A 201 -9.17 -10.63 -4.00
CA GLU A 201 -10.04 -11.58 -3.32
C GLU A 201 -11.52 -11.20 -3.49
N ASP A 202 -11.82 -9.90 -3.49
CA ASP A 202 -13.18 -9.41 -3.82
C ASP A 202 -13.62 -9.93 -5.16
N ARG A 203 -12.74 -9.83 -6.15
CA ARG A 203 -13.08 -10.33 -7.49
C ARG A 203 -13.19 -11.85 -7.51
N MSE A 204 -12.36 -12.55 -6.75
CA MSE A 204 -12.46 -14.00 -6.61
C MSE A 204 -13.83 -14.39 -6.03
O MSE A 204 -14.45 -15.35 -6.48
CB MSE A 204 -11.38 -14.55 -5.68
CG MSE A 204 -9.98 -14.64 -6.28
SE MSE A 204 -8.70 -15.05 -4.87
CE MSE A 204 -7.08 -14.58 -5.76
N ALA A 205 -14.28 -13.65 -5.02
CA ALA A 205 -15.56 -13.91 -4.37
C ALA A 205 -16.71 -13.68 -5.36
N GLN A 206 -16.60 -12.65 -6.20
CA GLN A 206 -17.62 -12.40 -7.22
C GLN A 206 -17.66 -13.55 -8.19
N ILE A 207 -16.50 -14.00 -8.63
CA ILE A 207 -16.42 -15.11 -9.57
C ILE A 207 -17.07 -16.38 -9.02
N LEU A 208 -16.95 -16.59 -7.70
CA LEU A 208 -17.39 -17.84 -7.06
C LEU A 208 -18.83 -17.81 -6.56
N GLY A 209 -19.47 -16.65 -6.67
CA GLY A 209 -20.83 -16.45 -6.23
C GLY A 209 -20.95 -16.30 -4.72
N LEU A 210 -19.88 -15.86 -4.07
CA LEU A 210 -19.88 -15.68 -2.62
C LEU A 210 -20.36 -14.27 -2.29
N SER A 211 -20.93 -14.11 -1.10
CA SER A 211 -21.39 -12.78 -0.68
C SER A 211 -20.22 -11.89 -0.29
N SER A 212 -19.08 -12.50 0.01
CA SER A 212 -17.95 -11.76 0.56
C SER A 212 -16.65 -12.60 0.57
N ARG A 213 -15.53 -11.93 0.43
CA ARG A 213 -14.22 -12.58 0.47
C ARG A 213 -13.97 -13.22 1.83
N LYS A 214 -14.60 -12.69 2.87
CA LYS A 214 -14.48 -13.22 4.22
C LYS A 214 -15.05 -14.64 4.38
N GLU A 215 -15.83 -15.09 3.38
CA GLU A 215 -16.23 -16.49 3.31
C GLU A 215 -15.09 -17.42 2.83
N MSE A 216 -13.95 -16.86 2.42
CA MSE A 216 -12.82 -17.68 1.99
C MSE A 216 -11.75 -17.72 3.08
O MSE A 216 -11.59 -16.77 3.82
CB MSE A 216 -12.21 -17.14 0.69
CG MSE A 216 -13.22 -16.73 -0.36
SE MSE A 216 -12.40 -16.28 -2.09
CE MSE A 216 -11.31 -14.74 -1.60
N LYS A 217 -11.04 -18.84 3.14
CA LYS A 217 -9.88 -19.01 4.00
C LYS A 217 -8.75 -19.34 3.06
N VAL A 218 -7.71 -18.49 3.04
CA VAL A 218 -6.67 -18.63 2.03
C VAL A 218 -5.31 -18.84 2.63
N ARG A 219 -4.45 -19.52 1.88
CA ARG A 219 -3.01 -19.43 2.10
C ARG A 219 -2.35 -18.65 0.95
N TYR A 220 -1.31 -17.91 1.29
CA TYR A 220 -0.66 -16.99 0.39
C TYR A 220 0.77 -16.76 0.85
N TYR A 221 1.68 -16.51 -0.07
CA TYR A 221 2.99 -15.97 0.32
C TYR A 221 3.55 -15.08 -0.78
N GLY A 222 4.50 -14.25 -0.38
CA GLY A 222 5.19 -13.42 -1.32
C GLY A 222 5.83 -12.24 -0.64
N LEU A 223 6.16 -11.23 -1.44
CA LEU A 223 6.52 -9.92 -0.93
C LEU A 223 5.35 -9.08 -1.25
N ASN A 224 5.30 -7.87 -0.71
CA ASN A 224 4.25 -6.96 -1.09
C ASN A 224 4.29 -6.75 -2.61
N HIS A 225 3.12 -6.81 -3.24
CA HIS A 225 2.96 -6.59 -4.69
C HIS A 225 3.76 -7.61 -5.47
N PHE A 226 3.78 -8.85 -5.00
CA PHE A 226 4.72 -9.87 -5.47
C PHE A 226 4.42 -11.20 -4.77
N GLY A 227 3.29 -11.80 -5.06
CA GLY A 227 2.92 -13.00 -4.36
C GLY A 227 1.91 -13.88 -5.03
N TRP A 228 1.63 -15.01 -4.38
CA TRP A 228 0.77 -16.08 -4.90
C TRP A 228 -0.17 -16.64 -3.84
N TRP A 229 -1.42 -16.88 -4.22
CA TRP A 229 -2.36 -17.71 -3.43
C TRP A 229 -2.08 -19.16 -3.72
N THR A 230 -1.98 -19.96 -2.67
CA THR A 230 -1.69 -21.37 -2.84
C THR A 230 -2.88 -22.27 -2.48
N SER A 231 -3.84 -21.76 -1.73
CA SER A 231 -4.95 -22.55 -1.26
C SER A 231 -6.12 -21.62 -0.99
N ILE A 232 -7.31 -22.00 -1.45
CA ILE A 232 -8.51 -21.21 -1.27
C ILE A 232 -9.64 -22.17 -1.03
N GLN A 233 -10.26 -22.04 0.15
CA GLN A 233 -11.40 -22.85 0.51
C GLN A 233 -12.48 -22.01 1.20
N ASP A 234 -13.69 -22.54 1.24
CA ASP A 234 -14.75 -21.87 1.98
C ASP A 234 -14.67 -22.30 3.44
N GLN A 235 -15.58 -21.78 4.26
CA GLN A 235 -15.54 -22.02 5.70
C GLN A 235 -15.66 -23.50 6.04
N GLU A 236 -16.41 -24.24 5.24
CA GLU A 236 -16.61 -25.69 5.42
C GLU A 236 -15.40 -26.53 5.02
N GLY A 237 -14.45 -25.94 4.31
CA GLY A 237 -13.25 -26.63 3.89
C GLY A 237 -13.28 -27.11 2.46
N ASN A 238 -14.36 -26.79 1.73
CA ASN A 238 -14.43 -27.09 0.30
C ASN A 238 -13.35 -26.30 -0.46
N ASP A 239 -12.71 -26.99 -1.39
CA ASP A 239 -11.68 -26.43 -2.23
C ASP A 239 -12.32 -25.61 -3.36
N LEU A 240 -12.02 -24.31 -3.37
CA LEU A 240 -12.52 -23.37 -4.38
C LEU A 240 -11.50 -23.13 -5.52
N MSE A 241 -10.29 -23.65 -5.35
CA MSE A 241 -9.20 -23.31 -6.25
C MSE A 241 -9.34 -23.82 -7.68
O MSE A 241 -9.08 -23.06 -8.61
CB MSE A 241 -7.84 -23.73 -5.70
CG MSE A 241 -6.74 -22.93 -6.34
SE MSE A 241 -5.21 -22.79 -5.19
CE MSE A 241 -4.44 -24.59 -5.48
N PRO A 242 -9.71 -25.08 -7.88
CA PRO A 242 -9.96 -25.58 -9.24
C PRO A 242 -10.96 -24.71 -10.05
N LYS A 243 -12.00 -24.21 -9.40
CA LYS A 243 -13.00 -23.37 -10.06
C LYS A 243 -12.38 -22.03 -10.43
N LEU A 244 -11.70 -21.42 -9.47
CA LEU A 244 -11.07 -20.13 -9.71
C LEU A 244 -10.01 -20.23 -10.79
N LYS A 245 -9.24 -21.32 -10.78
CA LYS A 245 -8.17 -21.48 -11.75
C LYS A 245 -8.72 -21.59 -13.15
N GLU A 246 -9.84 -22.31 -13.33
CA GLU A 246 -10.37 -22.50 -14.69
C GLU A 246 -10.86 -21.15 -15.19
N HIS A 247 -11.55 -20.40 -14.33
CA HIS A 247 -11.99 -19.07 -14.70
C HIS A 247 -10.80 -18.13 -15.00
N VAL A 248 -9.85 -18.03 -14.08
CA VAL A 248 -8.75 -17.07 -14.22
C VAL A 248 -7.90 -17.38 -15.47
N SER A 249 -7.79 -18.66 -15.82
CA SER A 249 -6.99 -19.08 -16.98
C SER A 249 -7.64 -18.72 -18.32
N GLN A 250 -8.91 -18.28 -18.29
CA GLN A 250 -9.59 -17.78 -19.48
C GLN A 250 -9.88 -16.27 -19.45
N TYR A 251 -10.15 -15.72 -18.27
CA TYR A 251 -10.63 -14.35 -18.16
C TYR A 251 -9.84 -13.46 -17.19
N GLY A 252 -8.82 -14.00 -16.54
CA GLY A 252 -8.17 -13.31 -15.45
C GLY A 252 -9.10 -13.11 -14.28
N TYR A 253 -8.96 -12.02 -13.55
CA TYR A 253 -9.78 -11.74 -12.39
C TYR A 253 -10.98 -10.83 -12.76
N ILE A 254 -11.65 -11.13 -13.87
CA ILE A 254 -12.80 -10.37 -14.37
C ILE A 254 -13.99 -11.31 -14.33
N PRO A 255 -15.01 -10.98 -13.51
CA PRO A 255 -16.23 -11.78 -13.44
C PRO A 255 -16.97 -11.87 -14.78
N LYS A 256 -17.68 -12.98 -14.98
CA LYS A 256 -18.48 -13.20 -16.17
C LYS A 256 -19.55 -12.11 -16.30
N THR A 257 -19.40 -11.27 -17.32
CA THR A 257 -20.39 -10.27 -17.73
C THR A 257 -19.83 -9.42 -18.87
N SER A 265 -9.71 -6.45 -23.11
CA SER A 265 -8.42 -5.84 -23.35
C SER A 265 -7.31 -6.70 -22.74
N TRP A 266 -6.54 -7.38 -23.58
CA TRP A 266 -5.55 -8.35 -23.11
C TRP A 266 -4.57 -7.79 -22.06
N ASN A 267 -4.28 -6.49 -22.14
CA ASN A 267 -3.26 -5.87 -21.30
C ASN A 267 -3.79 -5.14 -20.06
N ASP A 268 -5.12 -5.06 -19.87
CA ASP A 268 -5.72 -4.60 -18.60
C ASP A 268 -5.29 -5.52 -17.44
N THR A 269 -4.99 -4.89 -16.31
CA THR A 269 -4.34 -5.53 -15.17
C THR A 269 -5.01 -6.81 -14.73
N PHE A 270 -6.33 -6.78 -14.60
CA PHE A 270 -7.06 -7.96 -14.13
C PHE A 270 -7.19 -9.03 -15.19
N ALA A 271 -7.26 -8.64 -16.45
CA ALA A 271 -7.33 -9.58 -17.57
C ALA A 271 -5.99 -10.27 -17.76
N LYS A 272 -4.94 -9.50 -17.54
CA LYS A 272 -3.57 -9.89 -17.78
C LYS A 272 -3.12 -10.99 -16.80
N ALA A 273 -3.74 -11.05 -15.63
CA ALA A 273 -3.50 -12.13 -14.68
C ALA A 273 -3.58 -13.52 -15.30
N ARG A 274 -4.35 -13.69 -16.37
CA ARG A 274 -4.41 -14.98 -17.04
C ARG A 274 -3.06 -15.43 -17.59
N ASP A 275 -2.32 -14.50 -18.19
CA ASP A 275 -0.99 -14.75 -18.72
C ASP A 275 0.00 -14.98 -17.58
N VAL A 276 -0.11 -14.22 -16.50
CA VAL A 276 0.78 -14.36 -15.31
C VAL A 276 0.59 -15.71 -14.64
N GLN A 277 -0.66 -16.12 -14.52
CA GLN A 277 -1.02 -17.35 -13.84
C GLN A 277 -0.50 -18.58 -14.57
N ALA A 278 -0.40 -18.51 -15.91
CA ALA A 278 0.11 -19.65 -16.67
C ALA A 278 1.60 -19.99 -16.39
N ALA A 279 2.38 -19.00 -15.96
CA ALA A 279 3.75 -19.22 -15.43
C ALA A 279 3.84 -20.25 -14.31
N ASP A 280 2.77 -20.42 -13.51
CA ASP A 280 2.72 -21.38 -12.41
C ASP A 280 1.26 -21.88 -12.23
N PRO A 281 0.84 -22.91 -12.95
CA PRO A 281 -0.56 -23.32 -12.91
C PRO A 281 -1.11 -23.79 -11.55
N ASP A 282 -0.26 -24.16 -10.60
CA ASP A 282 -0.75 -24.60 -9.28
C ASP A 282 -1.21 -23.45 -8.38
N THR A 283 -0.94 -22.21 -8.77
CA THR A 283 -1.30 -21.07 -7.94
C THR A 283 -2.07 -20.02 -8.71
N LEU A 284 -2.45 -18.97 -7.97
CA LEU A 284 -3.02 -17.75 -8.51
C LEU A 284 -2.13 -16.56 -8.12
N PRO A 285 -1.80 -15.71 -9.07
CA PRO A 285 -0.89 -14.57 -8.83
C PRO A 285 -1.53 -13.26 -8.39
N ASN A 286 -0.76 -12.50 -7.60
CA ASN A 286 -0.91 -11.06 -7.42
C ASN A 286 -0.74 -10.42 -8.80
N THR A 287 -1.61 -9.46 -9.13
CA THR A 287 -1.62 -8.86 -10.46
C THR A 287 -0.36 -8.06 -10.71
N TYR A 288 0.28 -7.54 -9.65
CA TYR A 288 1.51 -6.77 -9.80
C TYR A 288 2.65 -7.56 -10.46
N LEU A 289 2.59 -8.89 -10.44
CA LEU A 289 3.61 -9.73 -11.11
C LEU A 289 3.73 -9.49 -12.64
N GLN A 290 2.69 -8.93 -13.25
CA GLN A 290 2.73 -8.53 -14.65
C GLN A 290 3.90 -7.59 -14.98
N TYR A 291 4.24 -6.67 -14.08
CA TYR A 291 5.32 -5.70 -14.30
C TYR A 291 6.70 -6.34 -14.37
N TYR A 292 6.79 -7.55 -13.85
CA TYR A 292 8.02 -8.30 -13.70
C TYR A 292 8.16 -9.42 -14.70
N LEU A 293 7.06 -10.09 -15.02
CA LEU A 293 7.06 -11.16 -16.00
C LEU A 293 6.82 -10.67 -17.42
N PHE A 294 6.15 -9.52 -17.56
CA PHE A 294 5.89 -8.93 -18.88
C PHE A 294 6.19 -7.43 -18.89
N PRO A 295 7.41 -7.05 -18.52
CA PRO A 295 7.76 -5.63 -18.36
C PRO A 295 7.56 -4.79 -19.62
N ASP A 296 7.94 -5.32 -20.78
CA ASP A 296 7.81 -4.57 -22.03
C ASP A 296 6.35 -4.38 -22.48
N ASP A 297 5.44 -5.29 -22.13
CA ASP A 297 4.01 -5.08 -22.35
C ASP A 297 3.52 -3.87 -21.53
N MSE A 298 3.98 -3.80 -20.28
CA MSE A 298 3.54 -2.74 -19.36
C MSE A 298 4.09 -1.37 -19.74
O MSE A 298 3.44 -0.35 -19.49
CB MSE A 298 3.95 -3.08 -17.93
CG MSE A 298 3.38 -4.39 -17.44
SE MSE A 298 1.43 -4.40 -17.44
CE MSE A 298 1.11 -5.49 -18.99
N VAL A 299 5.29 -1.33 -20.32
CA VAL A 299 5.89 -0.07 -20.77
C VAL A 299 4.96 0.65 -21.75
N LYS A 300 4.26 -0.11 -22.57
CA LYS A 300 3.42 0.44 -23.64
C LYS A 300 1.95 0.58 -23.26
N LYS A 301 1.64 0.35 -21.99
CA LYS A 301 0.30 0.53 -21.47
C LYS A 301 0.09 1.98 -21.04
N SER A 302 1.16 2.57 -20.54
CA SER A 302 1.18 3.95 -20.06
C SER A 302 1.51 4.91 -21.22
N ASN A 303 0.78 6.01 -21.29
CA ASN A 303 1.15 7.12 -22.19
C ASN A 303 2.38 7.77 -21.57
N PRO A 304 3.53 7.73 -22.23
CA PRO A 304 4.76 8.32 -21.68
C PRO A 304 4.68 9.84 -21.41
N ASN A 305 3.85 10.56 -22.17
CA ASN A 305 3.57 12.00 -21.91
C ASN A 305 2.48 12.21 -20.84
N HIS A 306 1.56 11.24 -20.70
CA HIS A 306 0.42 11.36 -19.79
C HIS A 306 0.16 10.07 -18.99
N THR A 307 0.92 9.89 -17.91
CA THR A 307 0.91 8.64 -17.13
C THR A 307 -0.22 8.54 -16.11
N ARG A 308 -0.19 7.49 -15.28
CA ARG A 308 -1.23 7.23 -14.26
C ARG A 308 -1.38 8.37 -13.23
N ALA A 309 -0.29 9.03 -12.83
CA ALA A 309 -0.35 10.19 -11.94
C ALA A 309 -1.19 11.31 -12.55
N ASN A 310 -1.08 11.49 -13.87
CA ASN A 310 -1.90 12.43 -14.62
C ASN A 310 -3.37 11.98 -14.78
N GLU A 311 -3.60 10.68 -14.91
CA GLU A 311 -4.96 10.09 -14.92
C GLU A 311 -5.63 10.18 -13.54
N VAL A 312 -4.82 10.26 -12.48
CA VAL A 312 -5.32 10.36 -11.11
C VAL A 312 -5.59 11.83 -10.75
N MSE A 313 -4.79 12.74 -11.30
CA MSE A 313 -4.95 14.17 -11.04
C MSE A 313 -6.21 14.74 -11.71
O MSE A 313 -6.83 15.67 -11.18
CB MSE A 313 -3.71 14.94 -11.50
CG MSE A 313 -2.63 14.96 -10.44
SE MSE A 313 -1.02 15.90 -11.00
CE MSE A 313 0.00 14.40 -11.79
N GLU A 314 -6.59 14.19 -12.85
CA GLU A 314 -7.82 14.59 -13.54
C GLU A 314 -9.03 13.87 -12.93
N GLY A 315 -8.93 12.55 -12.79
CA GLY A 315 -10.00 11.73 -12.23
C GLY A 315 -10.37 12.11 -10.80
N ARG A 316 -9.42 11.97 -9.88
CA ARG A 316 -9.57 12.47 -8.51
C ARG A 316 -8.93 13.86 -8.30
N GLU A 317 -7.78 13.95 -7.64
CA GLU A 317 -7.26 15.24 -7.21
C GLU A 317 -8.29 16.39 -7.32
N ALA A 318 -8.26 17.19 -8.38
CA ALA A 318 -9.03 18.44 -8.45
C ALA A 318 -10.55 18.24 -8.43
N PHE A 319 -10.99 17.05 -8.87
CA PHE A 319 -12.32 16.51 -8.54
C PHE A 319 -12.63 16.74 -7.05
N ILE A 320 -12.03 15.95 -6.17
CA ILE A 320 -12.42 15.97 -4.77
C ILE A 320 -11.63 16.99 -3.94
N PHE A 321 -10.32 17.09 -4.13
CA PHE A 321 -9.55 18.19 -3.52
C PHE A 321 -9.96 19.55 -4.12
N SER A 322 -11.22 19.66 -4.54
CA SER A 322 -11.98 20.91 -4.40
C SER A 322 -13.50 20.81 -4.70
N GLN A 323 -14.07 19.62 -4.58
CA GLN A 323 -15.49 19.45 -4.31
C GLN A 323 -15.68 19.49 -2.77
N CYS A 324 -14.58 19.30 -2.04
CA CYS A 324 -14.51 19.57 -0.62
C CYS A 324 -14.68 21.07 -0.34
N ASP A 325 -14.31 21.91 -1.31
CA ASP A 325 -14.47 23.35 -1.19
C ASP A 325 -15.95 23.73 -1.27
N MSE A 326 -16.71 22.98 -2.07
CA MSE A 326 -18.15 23.20 -2.16
C MSE A 326 -18.83 22.72 -0.89
O MSE A 326 -19.68 23.43 -0.32
CB MSE A 326 -18.75 22.47 -3.36
CG MSE A 326 -20.26 22.22 -3.24
SE MSE A 326 -20.94 20.83 -4.44
CE MSE A 326 -19.84 19.31 -3.81
N ILE A 327 -18.47 21.52 -0.44
CA ILE A 327 -19.07 20.94 0.75
C ILE A 327 -18.81 21.82 1.99
N THR A 328 -17.68 22.52 2.01
CA THR A 328 -17.37 23.46 3.10
C THR A 328 -18.23 24.75 3.01
N ARG A 329 -18.45 25.24 1.80
CA ARG A 329 -19.24 26.45 1.57
C ARG A 329 -20.72 26.22 1.89
N GLU A 330 -21.35 25.28 1.16
CA GLU A 330 -22.66 24.71 1.47
C GLU A 330 -22.78 24.30 2.94
N GLN A 331 -21.76 23.59 3.43
CA GLN A 331 -21.82 22.93 4.73
C GLN A 331 -22.95 21.89 4.77
N SER A 332 -23.00 21.04 3.74
CA SER A 332 -23.93 19.91 3.69
C SER A 332 -23.39 18.78 2.79
N SER A 333 -24.05 17.62 2.88
CA SER A 333 -23.91 16.56 1.87
C SER A 333 -24.96 16.85 0.80
N GLU A 334 -24.56 16.72 -0.46
CA GLU A 334 -25.34 17.23 -1.59
C GLU A 334 -26.29 16.19 -2.20
N ASN A 335 -26.35 15.00 -1.58
CA ASN A 335 -26.49 13.73 -2.29
C ASN A 335 -25.08 13.47 -2.86
N SER A 336 -24.09 13.61 -1.97
CA SER A 336 -22.68 13.87 -2.33
C SER A 336 -22.07 12.91 -3.34
N GLU A 337 -21.12 13.45 -4.12
CA GLU A 337 -20.49 12.73 -5.23
C GLU A 337 -19.25 11.91 -4.79
N ILE A 338 -18.58 12.34 -3.72
CA ILE A 338 -17.46 11.59 -3.16
C ILE A 338 -17.98 10.28 -2.57
N LYS A 339 -17.71 9.16 -3.26
CA LYS A 339 -18.24 7.87 -2.84
C LYS A 339 -17.60 7.40 -1.53
N ILE A 340 -18.30 6.51 -0.83
CA ILE A 340 -17.72 5.79 0.30
C ILE A 340 -16.69 4.82 -0.25
N ASP A 341 -15.43 4.97 0.17
CA ASP A 341 -14.39 4.03 -0.24
C ASP A 341 -14.52 2.73 0.55
N ASP A 342 -15.32 1.80 0.06
CA ASP A 342 -15.52 0.50 0.74
C ASP A 342 -14.34 -0.47 0.52
N HIS A 343 -13.30 -0.01 -0.16
CA HIS A 343 -12.06 -0.76 -0.33
C HIS A 343 -11.16 -0.57 0.88
N ALA A 344 -11.28 0.58 1.52
CA ALA A 344 -10.54 0.88 2.74
C ALA A 344 -11.20 0.31 4.01
N SER A 345 -12.15 -0.60 3.85
CA SER A 345 -12.68 -1.31 5.00
C SER A 345 -11.61 -2.20 5.65
N TYR A 346 -10.57 -2.58 4.90
CA TYR A 346 -9.53 -3.45 5.42
C TYR A 346 -8.72 -2.77 6.54
N ILE A 347 -8.48 -1.46 6.43
CA ILE A 347 -7.79 -0.74 7.52
C ILE A 347 -8.60 -0.82 8.80
N VAL A 348 -9.92 -0.75 8.68
CA VAL A 348 -10.77 -0.81 9.87
C VAL A 348 -10.84 -2.20 10.42
N ASP A 349 -10.91 -3.20 9.54
CA ASP A 349 -10.80 -4.60 9.95
C ASP A 349 -9.53 -4.85 10.78
N LEU A 350 -8.41 -4.25 10.38
CA LEU A 350 -7.14 -4.42 11.09
C LEU A 350 -7.16 -3.72 12.45
N ALA A 351 -7.66 -2.48 12.49
CA ALA A 351 -7.72 -1.74 13.74
C ALA A 351 -8.61 -2.50 14.73
N ARG A 352 -9.71 -3.01 14.23
CA ARG A 352 -10.66 -3.83 15.02
C ARG A 352 -9.99 -5.06 15.58
N ALA A 353 -9.27 -5.79 14.73
CA ALA A 353 -8.62 -7.02 15.18
C ALA A 353 -7.64 -6.74 16.30
N ILE A 354 -6.91 -5.65 16.23
CA ILE A 354 -6.01 -5.24 17.30
C ILE A 354 -6.75 -4.76 18.56
N ALA A 355 -7.85 -4.04 18.35
CA ALA A 355 -8.57 -3.41 19.46
C ALA A 355 -9.31 -4.45 20.30
N TYR A 356 -9.98 -5.40 19.66
CA TYR A 356 -10.81 -6.39 20.33
C TYR A 356 -10.20 -7.79 20.32
N ASN A 357 -8.96 -7.94 19.85
CA ASN A 357 -8.29 -9.23 19.84
C ASN A 357 -9.14 -10.31 19.14
N THR A 358 -9.53 -10.07 17.88
CA THR A 358 -10.45 -10.98 17.19
C THR A 358 -9.79 -12.25 16.65
N GLY A 359 -8.49 -12.23 16.43
CA GLY A 359 -7.83 -13.38 15.82
C GLY A 359 -8.17 -13.55 14.35
N GLU A 360 -8.59 -12.50 13.68
CA GLU A 360 -8.89 -12.66 12.26
C GLU A 360 -7.62 -12.96 11.42
N ARG A 361 -7.75 -13.83 10.43
CA ARG A 361 -6.66 -14.15 9.54
C ARG A 361 -6.55 -13.09 8.43
N MSE A 362 -5.44 -12.35 8.39
CA MSE A 362 -5.22 -11.29 7.39
C MSE A 362 -3.81 -11.39 6.80
O MSE A 362 -2.91 -11.85 7.48
CB MSE A 362 -5.36 -9.90 8.03
CG MSE A 362 -6.39 -9.82 9.11
SE MSE A 362 -6.84 -7.96 9.58
CE MSE A 362 -8.03 -8.25 10.93
N LEU A 363 -3.63 -10.98 5.54
CA LEU A 363 -2.33 -10.87 4.92
C LEU A 363 -1.68 -9.57 5.38
N LEU A 364 -0.54 -9.69 6.05
CA LEU A 364 0.24 -8.55 6.47
C LEU A 364 1.71 -8.77 6.09
N ILE A 365 2.46 -7.69 6.06
CA ILE A 365 3.87 -7.71 5.78
C ILE A 365 4.60 -7.75 7.11
N VAL A 366 5.34 -8.82 7.32
CA VAL A 366 6.04 -9.07 8.58
C VAL A 366 7.41 -9.68 8.30
N GLU A 367 8.28 -9.62 9.29
CA GLU A 367 9.59 -10.22 9.18
C GLU A 367 9.43 -11.73 9.12
N ASN A 368 10.13 -12.33 8.16
CA ASN A 368 9.98 -13.74 7.87
C ASN A 368 10.35 -14.58 9.07
N ASN A 369 11.61 -14.56 9.47
CA ASN A 369 12.12 -15.36 10.59
C ASN A 369 11.53 -16.78 10.70
N GLY A 370 11.51 -17.53 9.60
CA GLY A 370 11.00 -18.91 9.60
C GLY A 370 9.63 -19.12 9.00
N ALA A 371 8.84 -18.07 8.81
CA ALA A 371 7.52 -18.25 8.23
C ALA A 371 7.65 -18.92 6.87
N ILE A 372 8.56 -18.42 6.04
CA ILE A 372 8.96 -19.13 4.81
C ILE A 372 10.32 -19.73 5.07
N ALA A 373 10.34 -21.05 5.19
CA ALA A 373 11.48 -21.80 5.69
C ALA A 373 12.74 -21.62 4.86
N ASN A 374 12.58 -21.63 3.54
CA ASN A 374 13.70 -21.65 2.61
C ASN A 374 13.89 -20.29 1.92
N PHE A 375 13.58 -19.23 2.65
CA PHE A 375 13.69 -17.90 2.16
C PHE A 375 14.39 -17.05 3.24
N ASP A 376 15.13 -16.03 2.80
CA ASP A 376 15.83 -15.09 3.68
C ASP A 376 15.05 -14.79 4.97
N PRO A 377 15.58 -15.20 6.12
CA PRO A 377 14.89 -14.97 7.39
C PRO A 377 14.73 -13.50 7.75
N THR A 378 15.57 -12.62 7.20
CA THR A 378 15.49 -11.19 7.48
C THR A 378 14.58 -10.41 6.52
N ALA A 379 13.94 -11.09 5.58
CA ALA A 379 13.10 -10.43 4.60
C ALA A 379 11.73 -10.12 5.19
N MSE A 380 11.13 -9.03 4.71
CA MSE A 380 9.72 -8.74 4.96
C MSE A 380 8.93 -9.53 3.92
O MSE A 380 9.24 -9.51 2.72
CB MSE A 380 9.43 -7.25 4.87
CG MSE A 380 10.20 -6.40 5.89
SE MSE A 380 9.87 -6.91 7.79
CE MSE A 380 8.40 -5.73 8.38
N VAL A 381 8.00 -10.33 4.42
CA VAL A 381 7.15 -11.15 3.59
C VAL A 381 5.68 -10.85 3.87
N GLU A 382 4.86 -11.08 2.84
CA GLU A 382 3.43 -10.88 2.94
C GLU A 382 2.83 -12.27 3.11
N VAL A 383 2.31 -12.56 4.29
CA VAL A 383 1.80 -13.90 4.62
C VAL A 383 0.59 -13.81 5.52
N PRO A 384 -0.20 -14.87 5.59
CA PRO A 384 -1.35 -14.85 6.51
C PRO A 384 -0.89 -14.81 7.94
N CYS A 385 -1.54 -13.96 8.73
CA CYS A 385 -1.29 -13.81 10.15
C CYS A 385 -2.60 -13.83 10.92
N ILE A 386 -2.56 -14.33 12.15
CA ILE A 386 -3.65 -14.19 13.10
C ILE A 386 -3.39 -12.91 13.85
N VAL A 387 -4.32 -11.99 13.77
CA VAL A 387 -4.13 -10.65 14.27
C VAL A 387 -4.88 -10.52 15.56
N GLY A 388 -4.19 -10.07 16.59
CA GLY A 388 -4.77 -9.84 17.88
C GLY A 388 -4.19 -8.61 18.53
N SER A 389 -4.45 -8.44 19.82
CA SER A 389 -4.13 -7.20 20.51
C SER A 389 -2.63 -7.00 20.71
N ASN A 390 -1.82 -8.03 20.49
CA ASN A 390 -0.36 -7.92 20.56
C ASN A 390 0.26 -7.85 19.15
N GLY A 391 -0.58 -7.84 18.13
CA GLY A 391 -0.12 -7.68 16.76
C GLY A 391 -0.30 -8.98 16.03
N PRO A 392 0.34 -9.09 14.87
CA PRO A 392 0.16 -10.28 14.05
C PRO A 392 0.98 -11.47 14.57
N GLU A 393 0.42 -12.66 14.40
CA GLU A 393 1.11 -13.91 14.62
C GLU A 393 1.15 -14.61 13.25
N PRO A 394 2.27 -14.50 12.55
CA PRO A 394 2.38 -15.13 11.23
C PRO A 394 2.21 -16.66 11.29
N ILE A 395 1.48 -17.19 10.32
CA ILE A 395 1.28 -18.61 10.15
C ILE A 395 2.39 -19.15 9.26
N THR A 396 2.94 -20.32 9.57
CA THR A 396 3.97 -20.91 8.73
C THR A 396 3.50 -21.17 7.29
N VAL A 397 4.41 -20.93 6.37
CA VAL A 397 4.21 -21.24 4.96
C VAL A 397 4.87 -22.57 4.59
N GLY A 398 6.04 -22.84 5.13
CA GLY A 398 6.80 -24.04 4.83
C GLY A 398 7.78 -23.75 3.70
N THR A 399 8.09 -24.75 2.91
CA THR A 399 9.06 -24.67 1.84
C THR A 399 8.36 -24.26 0.54
N ILE A 400 8.91 -23.28 -0.17
CA ILE A 400 8.33 -22.81 -1.42
C ILE A 400 9.11 -23.31 -2.64
N PRO A 401 8.46 -23.39 -3.80
CA PRO A 401 9.14 -23.88 -5.02
C PRO A 401 10.20 -22.90 -5.50
N GLN A 402 11.08 -23.44 -6.33
CA GLN A 402 12.23 -22.75 -6.85
C GLN A 402 11.87 -21.53 -7.71
N PHE A 403 10.77 -21.60 -8.46
CA PHE A 403 10.37 -20.47 -9.31
C PHE A 403 10.09 -19.22 -8.48
N GLN A 404 9.20 -19.37 -7.53
CA GLN A 404 8.86 -18.24 -6.66
C GLN A 404 10.05 -17.82 -5.83
N LYS A 405 10.86 -18.78 -5.38
CA LYS A 405 12.03 -18.49 -4.55
C LYS A 405 13.01 -17.57 -5.27
N GLY A 406 13.41 -18.00 -6.46
CA GLY A 406 14.30 -17.22 -7.33
C GLY A 406 13.78 -15.79 -7.58
N LEU A 407 12.50 -15.70 -7.95
CA LEU A 407 11.89 -14.39 -8.20
C LEU A 407 11.90 -13.49 -6.99
N MSE A 408 11.55 -14.06 -5.84
CA MSE A 408 11.48 -13.36 -4.57
C MSE A 408 12.85 -13.01 -4.02
O MSE A 408 13.02 -11.95 -3.47
CB MSE A 408 10.65 -14.16 -3.55
CG MSE A 408 9.21 -14.19 -3.83
SE MSE A 408 8.31 -15.47 -2.66
CE MSE A 408 8.33 -14.63 -0.98
N GLU A 409 13.85 -13.87 -4.17
CA GLU A 409 15.20 -13.52 -3.69
C GLU A 409 15.82 -12.33 -4.48
N GLN A 410 15.56 -12.30 -5.78
CA GLN A 410 15.98 -11.22 -6.63
C GLN A 410 15.30 -9.92 -6.18
N GLN A 411 14.00 -9.95 -6.05
CA GLN A 411 13.22 -8.77 -5.69
C GLN A 411 13.49 -8.23 -4.30
N VAL A 412 13.58 -9.11 -3.30
CA VAL A 412 13.88 -8.66 -1.95
C VAL A 412 15.25 -7.99 -1.88
N SER A 413 16.16 -8.44 -2.74
CA SER A 413 17.48 -7.88 -2.83
C SER A 413 17.45 -6.46 -3.31
N VAL A 414 16.56 -6.15 -4.26
CA VAL A 414 16.33 -4.79 -4.74
C VAL A 414 15.90 -3.92 -3.59
N GLU A 415 14.96 -4.42 -2.81
CA GLU A 415 14.38 -3.66 -1.69
C GLU A 415 15.38 -3.45 -0.54
N LYS A 416 16.15 -4.49 -0.23
CA LYS A 416 17.17 -4.43 0.79
C LYS A 416 18.31 -3.47 0.40
N LEU A 417 18.77 -3.53 -0.86
CA LEU A 417 19.77 -2.58 -1.37
C LEU A 417 19.30 -1.14 -1.38
N THR A 418 18.03 -0.93 -1.71
CA THR A 418 17.44 0.41 -1.64
C THR A 418 17.50 0.98 -0.21
N VAL A 419 17.12 0.17 0.79
CA VAL A 419 17.20 0.60 2.20
C VAL A 419 18.65 0.83 2.65
N GLU A 420 19.60 -0.02 2.21
CA GLU A 420 21.03 0.15 2.46
C GLU A 420 21.54 1.45 1.86
N ALA A 421 21.15 1.75 0.62
CA ALA A 421 21.48 3.00 -0.04
C ALA A 421 21.03 4.21 0.77
N TRP A 422 19.79 4.15 1.24
CA TRP A 422 19.21 5.21 2.06
C TRP A 422 19.99 5.39 3.39
N ALA A 423 20.21 4.30 4.13
CA ALA A 423 20.88 4.38 5.44
C ALA A 423 22.36 4.73 5.36
N GLU A 424 23.04 4.19 4.34
CA GLU A 424 24.48 4.43 4.10
C GLU A 424 24.78 5.65 3.22
N LYS A 425 23.73 6.30 2.71
CA LYS A 425 23.88 7.36 1.71
C LYS A 425 24.79 6.94 0.53
N SER A 426 24.49 5.77 -0.07
CA SER A 426 25.34 5.12 -1.06
C SER A 426 24.69 5.10 -2.45
N PHE A 427 25.32 5.79 -3.40
CA PHE A 427 24.91 5.79 -4.80
C PHE A 427 25.11 4.40 -5.39
N GLN A 428 26.22 3.77 -5.03
CA GLN A 428 26.54 2.45 -5.56
C GLN A 428 25.49 1.40 -5.20
N LYS A 429 25.02 1.41 -3.95
CA LYS A 429 24.02 0.45 -3.49
C LYS A 429 22.68 0.66 -4.22
N LEU A 430 22.31 1.91 -4.44
CA LEU A 430 21.13 2.22 -5.23
C LEU A 430 21.24 1.79 -6.71
N TRP A 431 22.43 1.93 -7.29
CA TRP A 431 22.67 1.46 -8.64
C TRP A 431 22.52 -0.06 -8.70
N GLN A 432 23.02 -0.75 -7.67
CA GLN A 432 22.91 -2.19 -7.59
C GLN A 432 21.45 -2.59 -7.49
N ALA A 433 20.65 -1.80 -6.78
CA ALA A 433 19.26 -2.08 -6.61
C ALA A 433 18.57 -2.10 -7.97
N LEU A 434 18.83 -1.08 -8.79
CA LEU A 434 18.29 -0.99 -10.15
C LEU A 434 18.84 -2.10 -11.06
N ILE A 435 20.14 -2.40 -10.98
CA ILE A 435 20.72 -3.50 -11.79
C ILE A 435 19.95 -4.80 -11.54
N LEU A 436 19.64 -5.07 -10.28
CA LEU A 436 19.01 -6.32 -9.91
C LEU A 436 17.55 -6.48 -10.38
N SER A 437 16.84 -5.37 -10.52
CA SER A 437 15.44 -5.38 -10.87
C SER A 437 15.17 -6.13 -12.16
N LYS A 438 14.15 -6.98 -12.14
CA LYS A 438 13.74 -7.71 -13.34
C LYS A 438 13.20 -6.75 -14.44
N THR A 439 12.80 -5.52 -14.04
CA THR A 439 12.28 -4.52 -14.98
C THR A 439 13.39 -3.78 -15.71
N VAL A 440 14.63 -3.87 -15.21
CA VAL A 440 15.73 -3.11 -15.78
C VAL A 440 16.58 -4.03 -16.68
N PRO A 441 16.83 -3.69 -17.95
CA PRO A 441 17.52 -4.61 -18.87
C PRO A 441 19.03 -4.69 -18.81
N ASN A 442 19.70 -3.68 -18.27
CA ASN A 442 21.13 -3.73 -18.15
C ASN A 442 21.66 -2.68 -17.21
N ALA A 443 22.92 -2.83 -16.81
CA ALA A 443 23.52 -1.96 -15.79
C ALA A 443 23.75 -0.52 -16.27
N ARG A 444 23.95 -0.31 -17.56
CA ARG A 444 24.13 1.03 -18.09
C ARG A 444 22.81 1.82 -18.06
N VAL A 445 21.74 1.22 -18.55
CA VAL A 445 20.41 1.80 -18.42
C VAL A 445 20.03 2.04 -16.94
N ALA A 446 20.38 1.10 -16.06
CA ALA A 446 20.19 1.29 -14.63
C ALA A 446 20.86 2.59 -14.16
N ARG A 447 22.10 2.79 -14.56
CA ARG A 447 22.83 4.01 -14.13
C ARG A 447 22.23 5.29 -14.72
N LEU A 448 21.82 5.25 -15.98
CA LEU A 448 21.21 6.41 -16.61
C LEU A 448 19.93 6.82 -15.90
N ILE A 449 19.09 5.84 -15.61
CA ILE A 449 17.86 6.07 -14.90
C ILE A 449 18.14 6.64 -13.50
N LEU A 450 19.11 6.06 -12.79
CA LEU A 450 19.50 6.54 -11.47
C LEU A 450 19.98 8.00 -11.48
N GLU A 451 20.81 8.34 -12.46
CA GLU A 451 21.28 9.73 -12.55
C GLU A 451 20.11 10.70 -12.75
N ASP A 452 19.11 10.31 -13.54
CA ASP A 452 17.95 11.17 -13.72
C ASP A 452 17.10 11.25 -12.45
N LEU A 453 16.94 10.15 -11.72
CA LEU A 453 16.12 10.18 -10.52
C LEU A 453 16.80 11.00 -9.43
N VAL A 454 18.11 10.91 -9.34
CA VAL A 454 18.86 11.70 -8.36
C VAL A 454 18.51 13.17 -8.56
N GLU A 455 18.60 13.64 -9.80
CA GLU A 455 18.27 15.03 -10.16
C GLU A 455 16.84 15.40 -9.81
N ALA A 456 15.89 14.61 -10.27
CA ALA A 456 14.47 14.90 -10.03
C ALA A 456 14.11 14.93 -8.54
N ASN A 457 14.81 14.15 -7.72
CA ASN A 457 14.45 13.96 -6.32
C ASN A 457 15.33 14.71 -5.31
N LYS A 458 16.07 15.72 -5.74
CA LYS A 458 17.05 16.36 -4.85
C LYS A 458 16.47 16.88 -3.53
N ASP A 459 15.27 17.43 -3.57
CA ASP A 459 14.63 17.93 -2.35
C ASP A 459 14.15 16.81 -1.41
N PHE A 460 14.08 15.57 -1.88
CA PHE A 460 13.42 14.51 -1.12
C PHE A 460 14.30 13.34 -0.69
N TRP A 461 15.45 13.14 -1.32
CA TRP A 461 16.34 12.04 -0.96
C TRP A 461 17.46 12.59 -0.09
N PRO A 462 18.09 11.75 0.72
CA PRO A 462 19.39 12.10 1.30
C PRO A 462 20.43 12.27 0.17
N GLU A 463 21.48 13.04 0.43
CA GLU A 463 22.56 13.25 -0.54
C GLU A 463 23.36 11.94 -0.62
N LEU A 464 23.61 11.44 -1.82
CA LEU A 464 24.33 10.18 -2.00
C LEU A 464 25.80 10.40 -2.33
N ASP A 465 26.64 9.52 -1.79
CA ASP A 465 28.09 9.59 -1.99
C ASP A 465 28.55 8.66 -3.13
N GLN A 466 29.44 9.21 -3.96
CA GLN A 466 30.03 8.60 -5.18
C GLN A 466 29.17 8.68 -6.47
N SER A 467 28.81 9.87 -6.95
CA SER A 467 29.18 11.16 -6.34
C SER A 467 28.24 12.33 -6.70
N PRO A 468 26.93 12.16 -6.52
CA PRO A 468 25.98 13.27 -6.70
C PRO A 468 26.02 14.29 -5.56
C1 G6P B . -3.62 -0.43 -4.99
C2 G6P B . -2.34 -0.90 -4.31
C3 G6P B . -1.62 0.30 -3.71
C4 G6P B . -1.35 1.32 -4.81
C5 G6P B . -2.66 1.67 -5.53
C6 G6P B . -2.37 2.64 -6.66
O1 G6P B . -4.41 -1.52 -5.45
O2 G6P B . -2.60 -1.89 -3.30
O3 G6P B . -0.39 -0.12 -3.13
O4 G6P B . -0.77 2.49 -4.27
O5 G6P B . -3.25 0.46 -6.07
O6 G6P B . -3.57 2.91 -7.37
P G6P B . -3.80 4.36 -8.01
O1P G6P B . -5.23 4.66 -8.29
O2P G6P B . -2.91 4.36 -9.33
O3P G6P B . -3.15 5.46 -7.02
MN MN C . -0.51 -2.08 -2.12
PA NAD D . -2.24 12.07 -1.89
O1A NAD D . -3.60 12.49 -2.27
O2A NAD D . -1.08 12.89 -2.30
O5B NAD D . -2.10 11.94 -0.29
C5B NAD D . -0.86 12.21 0.32
C4B NAD D . -0.94 13.25 1.43
O4B NAD D . 0.21 13.04 2.29
C3B NAD D . -0.78 14.66 0.85
O3B NAD D . -1.84 15.47 1.32
C2B NAD D . 0.50 15.18 1.48
O2B NAD D . 0.36 16.58 1.82
C1B NAD D . 0.65 14.33 2.73
N9A NAD D . 2.09 14.27 3.07
C8A NAD D . 3.08 14.09 2.19
N7A NAD D . 4.24 14.11 2.83
C5A NAD D . 4.00 14.29 4.11
C6A NAD D . 4.82 14.39 5.23
N6A NAD D . 6.13 14.30 5.08
N1A NAD D . 4.26 14.58 6.44
C2A NAD D . 2.95 14.69 6.56
N3A NAD D . 2.14 14.59 5.52
C4A NAD D . 2.64 14.40 4.28
O3 NAD D . -2.06 10.56 -2.38
PN NAD D . -3.20 9.43 -2.37
O1N NAD D . -4.34 9.81 -1.51
O2N NAD D . -3.48 9.02 -3.76
O5D NAD D . -2.39 8.23 -1.67
C5D NAD D . -1.93 8.35 -0.34
C4D NAD D . -0.95 7.21 0.04
O4D NAD D . -1.70 6.00 0.09
C3D NAD D . 0.17 7.01 -1.00
O3D NAD D . 1.38 6.65 -0.32
C2D NAD D . -0.38 5.83 -1.79
O2D NAD D . 0.68 5.12 -2.43
C1D NAD D . -0.94 5.04 -0.63
N1N NAD D . -1.80 3.92 -0.99
C2N NAD D . -1.41 2.69 -0.53
C3N NAD D . -2.15 1.58 -0.82
C7N NAD D . -1.66 0.25 -0.29
O7N NAD D . -2.43 -0.83 -0.42
N7N NAD D . -0.46 0.23 0.30
C4N NAD D . -3.32 1.68 -1.57
C5N NAD D . -3.72 2.93 -2.04
C6N NAD D . -2.97 4.06 -1.75
#